data_2XD3
#
_entry.id   2XD3
#
_cell.length_a   68.370
_cell.length_b   127.880
_cell.length_c   51.990
_cell.angle_alpha   90.00
_cell.angle_beta   90.00
_cell.angle_gamma   90.00
#
_symmetry.space_group_name_H-M   'P 21 21 2'
#
loop_
_entity.id
_entity.type
_entity.pdbx_description
1 polymer 'MALTOSE/MALTODEXTRIN-BINDING PROTEIN'
2 branched alpha-D-glucopyranose-(1-4)-alpha-D-glucopyranose-(1-4)-alpha-D-glucopyranose-(1-4)-alpha-D-glucopyranose-(1-4)-alpha-D-glucopyranose-(1-4)-alpha-D-glucopyranose-(1-4)-alpha-D-glucopyranose
3 non-polymer 'SULFATE ION'
4 water water
#
_entity_poly.entity_id   1
_entity_poly.type   'polypeptide(L)'
_entity_poly.pdbx_seq_one_letter_code
;MGSSHHHHHHSSGLVPRGSHMASDKPADSGSSEVKELTVYVDEGYKSYIEEVAKAYEKEAGVKVTLKTGDALGGLDKLSL
DNQNGNVPDVMMAPYDRVGSLGSDGQLSEVKLSDGAKTDDTTKSLVTAANGKVYGAPAVIESLVMYYNKDLVKDAPKTFA
DLENLAKDSKYAFAGEDGKTTAFLADWTNFYYTYGLLAGNGAYVFGQNGKDAKDIGLANDGSIVGINYAKSWYEKWPKGM
QDTEGAGNLIQTQFQEGKTAAIIDGPWKAQAFKDAKVNYGVATIPTLPNGKEYAAFGGGKAWVIPQAVKNLEASQKFVDF
LVATEQQKVLYDKTNEIPANTEARSYAEGKNDELTTAVIKQFKNTQPLPNISQMSAVWDPAKNMLFDAVSGQKDAKTAAN
DAVTLIKETLKQKFGE
;
_entity_poly.pdbx_strand_id   A
#
loop_
_chem_comp.id
_chem_comp.type
_chem_comp.name
_chem_comp.formula
GLC D-saccharide, alpha linking alpha-D-glucopyranose 'C6 H12 O6'
SO4 non-polymer 'SULFATE ION' 'O4 S -2'
#
# COMPACT_ATOMS: atom_id res chain seq x y z
N GLU A 36 -8.58 -21.27 20.99
CA GLU A 36 -8.64 -22.20 19.84
C GLU A 36 -8.77 -21.50 18.48
N LEU A 37 -7.99 -20.43 18.30
CA LEU A 37 -7.80 -19.74 17.00
C LEU A 37 -6.71 -18.68 17.16
N THR A 38 -5.74 -18.67 16.24
CA THR A 38 -4.61 -17.74 16.31
C THR A 38 -4.57 -16.76 15.12
N VAL A 39 -4.47 -15.47 15.44
CA VAL A 39 -4.41 -14.40 14.44
C VAL A 39 -3.01 -13.81 14.39
N TYR A 40 -2.43 -13.80 13.19
CA TYR A 40 -1.12 -13.18 12.99
C TYR A 40 -1.25 -11.83 12.27
N VAL A 41 -0.84 -10.76 12.96
CA VAL A 41 -0.94 -9.39 12.43
C VAL A 41 0.27 -8.55 12.77
N ASP A 42 0.44 -7.47 12.02
CA ASP A 42 1.34 -6.39 12.37
C ASP A 42 0.99 -5.81 13.76
N GLU A 43 2.03 -5.41 14.48
CA GLU A 43 1.91 -4.75 15.78
C GLU A 43 0.76 -3.74 15.88
N GLY A 44 0.69 -2.84 14.89
CA GLY A 44 -0.34 -1.81 14.82
C GLY A 44 -1.79 -2.26 14.91
N TYR A 45 -2.01 -3.57 14.84
CA TYR A 45 -3.35 -4.15 14.95
C TYR A 45 -3.59 -4.88 16.28
N LYS A 46 -2.56 -4.90 17.13
CA LYS A 46 -2.61 -5.65 18.41
C LYS A 46 -3.80 -5.23 19.28
N SER A 47 -3.94 -3.93 19.50
CA SER A 47 -5.00 -3.36 20.32
C SER A 47 -6.36 -3.69 19.71
N TYR A 48 -6.45 -3.54 18.39
CA TYR A 48 -7.67 -3.86 17.65
C TYR A 48 -8.07 -5.32 17.84
N ILE A 49 -7.13 -6.24 17.62
CA ILE A 49 -7.42 -7.67 17.70
C ILE A 49 -7.74 -8.10 19.15
N GLU A 50 -7.07 -7.48 20.13
CA GLU A 50 -7.36 -7.76 21.55
C GLU A 50 -8.83 -7.49 21.87
N GLU A 51 -9.32 -6.32 21.46
CA GLU A 51 -10.70 -5.92 21.67
C GLU A 51 -11.72 -6.79 20.90
N VAL A 52 -11.46 -7.04 19.62
CA VAL A 52 -12.36 -7.87 18.80
C VAL A 52 -12.43 -9.29 19.34
N ALA A 53 -11.27 -9.85 19.72
CA ALA A 53 -11.21 -11.17 20.37
C ALA A 53 -12.10 -11.24 21.62
N LYS A 54 -11.97 -10.25 22.49
CA LYS A 54 -12.82 -10.12 23.70
C LYS A 54 -14.31 -10.18 23.40
N ALA A 55 -14.71 -9.56 22.29
CA ALA A 55 -16.11 -9.55 21.86
C ALA A 55 -16.52 -10.87 21.21
N TYR A 56 -15.64 -11.42 20.36
CA TYR A 56 -15.91 -12.70 19.69
C TYR A 56 -16.05 -13.84 20.69
N GLU A 57 -15.25 -13.78 21.74
CA GLU A 57 -15.35 -14.72 22.84
C GLU A 57 -16.70 -14.60 23.55
N LYS A 58 -17.18 -13.37 23.73
CA LYS A 58 -18.52 -13.15 24.30
C LYS A 58 -19.66 -13.62 23.39
N GLU A 59 -19.59 -13.27 22.10
CA GLU A 59 -20.67 -13.60 21.14
C GLU A 59 -20.71 -15.09 20.80
N ALA A 60 -19.68 -15.56 20.09
CA ALA A 60 -19.46 -17.00 19.91
C ALA A 60 -18.63 -17.48 21.09
N GLY A 61 -18.31 -18.76 21.15
CA GLY A 61 -17.55 -19.27 22.28
C GLY A 61 -16.16 -19.70 21.90
N VAL A 62 -15.38 -18.75 21.38
CA VAL A 62 -14.04 -19.06 20.86
C VAL A 62 -12.97 -18.10 21.41
N LYS A 63 -11.85 -18.68 21.85
CA LYS A 63 -10.72 -17.90 22.33
C LYS A 63 -9.79 -17.57 21.17
N VAL A 64 -9.61 -16.28 20.92
CA VAL A 64 -8.73 -15.81 19.86
C VAL A 64 -7.44 -15.24 20.44
N THR A 65 -6.34 -15.95 20.17
CA THR A 65 -5.03 -15.51 20.64
C THR A 65 -4.25 -14.83 19.51
N LEU A 66 -3.51 -13.78 19.83
CA LEU A 66 -2.82 -13.08 18.77
C LEU A 66 -1.32 -13.28 18.78
N LYS A 67 -0.78 -13.35 17.57
CA LYS A 67 0.64 -13.45 17.35
C LYS A 67 0.96 -12.22 16.52
N THR A 68 2.03 -11.52 16.88
CA THR A 68 2.37 -10.24 16.27
C THR A 68 3.64 -10.38 15.44
N GLY A 69 3.72 -9.66 14.33
CA GLY A 69 4.89 -9.73 13.48
C GLY A 69 4.78 -9.05 12.13
N ASP A 70 5.87 -9.02 11.39
CA ASP A 70 5.90 -8.43 10.05
C ASP A 70 4.87 -9.11 9.15
N ALA A 71 3.92 -8.33 8.63
CA ALA A 71 2.81 -8.87 7.82
C ALA A 71 3.28 -9.56 6.54
N LEU A 72 4.10 -8.86 5.74
CA LEU A 72 4.61 -9.38 4.48
C LEU A 72 5.53 -10.57 4.72
N GLY A 73 6.33 -10.46 5.79
CA GLY A 73 7.20 -11.54 6.26
C GLY A 73 6.45 -12.80 6.65
N GLY A 74 5.31 -12.64 7.32
CA GLY A 74 4.44 -13.79 7.66
C GLY A 74 3.95 -14.52 6.42
N LEU A 75 3.64 -13.77 5.37
CA LEU A 75 3.20 -14.32 4.10
C LEU A 75 4.35 -14.98 3.32
N ASP A 76 5.55 -14.41 3.41
CA ASP A 76 6.72 -15.02 2.76
C ASP A 76 6.96 -16.45 3.24
N LYS A 77 6.68 -16.70 4.50
CA LYS A 77 6.97 -18.01 5.12
C LYS A 77 5.77 -18.92 5.08
N LEU A 78 4.65 -18.42 4.55
CA LEU A 78 3.38 -19.15 4.54
C LEU A 78 3.50 -20.51 3.86
N SER A 79 4.15 -20.52 2.69
CA SER A 79 4.35 -21.74 1.93
C SER A 79 5.09 -22.80 2.75
N LEU A 80 6.15 -22.38 3.46
CA LEU A 80 6.88 -23.29 4.34
C LEU A 80 6.05 -23.71 5.55
N ASP A 81 5.26 -22.79 6.11
CA ASP A 81 4.38 -23.11 7.24
C ASP A 81 3.26 -24.09 6.88
N ASN A 82 2.73 -23.95 5.65
CA ASN A 82 1.76 -24.88 5.07
C ASN A 82 2.31 -26.30 4.99
N GLN A 83 3.60 -26.43 4.66
CA GLN A 83 4.30 -27.73 4.64
C GLN A 83 4.22 -28.46 6.00
N ASN A 84 4.41 -27.73 7.10
CA ASN A 84 4.43 -28.32 8.47
C ASN A 84 3.07 -28.31 9.23
N GLY A 85 2.09 -27.60 8.69
CA GLY A 85 0.80 -27.43 9.36
C GLY A 85 0.75 -26.25 10.31
N ASN A 86 1.92 -25.76 10.72
CA ASN A 86 2.03 -24.65 11.67
C ASN A 86 1.72 -23.29 11.06
N VAL A 87 0.45 -23.06 10.74
CA VAL A 87 0.00 -21.80 10.14
C VAL A 87 -0.91 -21.05 11.10
N PRO A 88 -0.93 -19.70 11.00
CA PRO A 88 -1.94 -19.03 11.81
C PRO A 88 -3.33 -19.32 11.22
N ASP A 89 -4.38 -19.08 12.00
CA ASP A 89 -5.72 -19.39 11.52
C ASP A 89 -6.28 -18.30 10.60
N VAL A 90 -5.86 -17.07 10.87
CA VAL A 90 -6.25 -15.89 10.09
C VAL A 90 -5.07 -14.92 10.05
N MET A 91 -4.84 -14.31 8.89
CA MET A 91 -3.84 -13.26 8.70
C MET A 91 -4.30 -12.25 7.66
N MET A 92 -3.57 -11.14 7.53
CA MET A 92 -3.87 -10.07 6.56
C MET A 92 -2.90 -10.10 5.40
N ALA A 93 -3.40 -9.83 4.19
CA ALA A 93 -2.60 -9.77 2.99
C ALA A 93 -3.05 -8.59 2.14
N PRO A 94 -2.10 -7.91 1.50
CA PRO A 94 -2.45 -6.98 0.42
C PRO A 94 -3.12 -7.76 -0.73
N TYR A 95 -4.02 -7.11 -1.46
CA TYR A 95 -4.82 -7.78 -2.50
C TYR A 95 -3.98 -8.49 -3.56
N ASP A 96 -2.89 -7.87 -4.01
CA ASP A 96 -2.03 -8.50 -5.03
C ASP A 96 -1.54 -9.89 -4.58
N ARG A 97 -1.21 -9.99 -3.29
CA ARG A 97 -0.77 -11.22 -2.66
C ARG A 97 -1.93 -12.19 -2.38
N VAL A 98 -3.14 -11.68 -2.20
CA VAL A 98 -4.34 -12.55 -2.14
C VAL A 98 -4.39 -13.36 -3.46
N GLY A 99 -4.11 -12.68 -4.56
CA GLY A 99 -4.14 -13.27 -5.88
C GLY A 99 -3.00 -14.23 -6.15
N SER A 100 -1.78 -13.85 -5.77
CA SER A 100 -0.62 -14.71 -6.03
C SER A 100 -0.59 -15.91 -5.10
N LEU A 101 -0.79 -15.68 -3.80
CA LEU A 101 -0.79 -16.77 -2.83
C LEU A 101 -1.96 -17.73 -3.09
N GLY A 102 -3.11 -17.16 -3.44
CA GLY A 102 -4.28 -17.94 -3.84
C GLY A 102 -4.04 -18.75 -5.10
N SER A 103 -3.53 -18.09 -6.13
CA SER A 103 -3.19 -18.76 -7.39
C SER A 103 -2.15 -19.87 -7.19
N ASP A 104 -1.30 -19.71 -6.19
CA ASP A 104 -0.23 -20.68 -5.91
C ASP A 104 -0.63 -21.82 -4.96
N GLY A 105 -1.88 -21.84 -4.49
CA GLY A 105 -2.34 -22.93 -3.62
C GLY A 105 -2.06 -22.80 -2.14
N GLN A 106 -1.65 -21.61 -1.69
CA GLN A 106 -1.25 -21.39 -0.31
CA GLN A 106 -1.25 -21.42 -0.29
C GLN A 106 -2.40 -20.94 0.59
N LEU A 107 -3.55 -20.66 -0.03
CA LEU A 107 -4.69 -20.09 0.70
C LEU A 107 -5.97 -20.89 0.52
N SER A 108 -6.74 -20.99 1.60
CA SER A 108 -8.07 -21.55 1.55
C SER A 108 -8.95 -20.56 0.81
N GLU A 109 -9.98 -21.08 0.17
CA GLU A 109 -11.01 -20.23 -0.40
C GLU A 109 -11.81 -19.62 0.74
N VAL A 110 -12.21 -18.37 0.54
CA VAL A 110 -12.92 -17.60 1.55
C VAL A 110 -14.31 -17.29 1.01
N LYS A 111 -15.32 -17.41 1.87
CA LYS A 111 -16.70 -17.07 1.54
C LYS A 111 -16.97 -15.61 1.88
N LEU A 112 -17.67 -14.93 1.00
CA LEU A 112 -18.03 -13.54 1.24
C LEU A 112 -19.45 -13.44 1.80
N SER A 113 -19.56 -13.23 3.10
CA SER A 113 -20.86 -13.08 3.75
C SER A 113 -21.55 -11.79 3.30
N ASP A 114 -22.88 -11.74 3.48
CA ASP A 114 -23.65 -10.50 3.25
C ASP A 114 -23.20 -9.41 4.21
N GLY A 115 -22.85 -9.81 5.43
CA GLY A 115 -22.39 -8.89 6.47
C GLY A 115 -21.08 -8.18 6.17
N ALA A 116 -20.28 -8.76 5.27
CA ALA A 116 -19.00 -8.20 4.85
C ALA A 116 -19.21 -6.89 4.09
N LYS A 117 -20.43 -6.72 3.55
CA LYS A 117 -20.79 -5.56 2.74
C LYS A 117 -19.74 -5.23 1.67
N THR A 118 -19.43 -6.24 0.85
CA THR A 118 -18.52 -6.05 -0.26
C THR A 118 -19.25 -5.31 -1.39
N ASP A 119 -18.49 -4.71 -2.30
CA ASP A 119 -19.08 -4.22 -3.55
C ASP A 119 -18.37 -4.88 -4.72
N ASP A 120 -18.67 -4.45 -5.94
CA ASP A 120 -18.10 -5.11 -7.11
C ASP A 120 -16.60 -4.98 -7.14
N THR A 121 -16.09 -3.82 -6.74
CA THR A 121 -14.66 -3.58 -6.85
C THR A 121 -13.84 -4.32 -5.78
N THR A 122 -14.39 -4.44 -4.56
CA THR A 122 -13.66 -5.15 -3.49
C THR A 122 -13.74 -6.67 -3.69
N LYS A 123 -14.87 -7.14 -4.23
CA LYS A 123 -15.04 -8.52 -4.65
C LYS A 123 -13.96 -8.91 -5.66
N SER A 124 -13.76 -8.06 -6.64
CA SER A 124 -12.81 -8.27 -7.72
C SER A 124 -11.35 -8.28 -7.22
N LEU A 125 -11.10 -7.51 -6.16
CA LEU A 125 -9.76 -7.40 -5.59
C LEU A 125 -9.34 -8.65 -4.81
N VAL A 126 -10.32 -9.46 -4.38
CA VAL A 126 -10.02 -10.68 -3.63
C VAL A 126 -10.26 -11.96 -4.48
N THR A 127 -10.68 -11.76 -5.73
CA THR A 127 -10.88 -12.87 -6.66
C THR A 127 -9.67 -13.06 -7.58
N ALA A 128 -9.04 -14.23 -7.46
CA ALA A 128 -7.86 -14.54 -8.24
C ALA A 128 -8.21 -14.86 -9.69
N ALA A 129 -7.20 -15.01 -10.54
CA ALA A 129 -7.42 -15.22 -11.97
C ALA A 129 -8.21 -16.50 -12.29
N ASN A 130 -8.30 -17.41 -11.32
CA ASN A 130 -8.92 -18.72 -11.51
C ASN A 130 -10.45 -18.97 -11.38
N GLY A 131 -11.33 -17.98 -11.23
CA GLY A 131 -11.27 -16.91 -10.30
C GLY A 131 -12.05 -17.37 -9.08
N LYS A 132 -11.33 -17.98 -8.15
CA LYS A 132 -11.84 -18.29 -6.83
C LYS A 132 -11.49 -17.13 -5.89
N VAL A 133 -12.23 -17.02 -4.79
CA VAL A 133 -12.08 -15.96 -3.81
C VAL A 133 -11.16 -16.42 -2.68
N TYR A 134 -10.13 -15.64 -2.39
CA TYR A 134 -9.13 -16.05 -1.38
C TYR A 134 -8.94 -15.07 -0.25
N GLY A 135 -9.85 -14.10 -0.13
CA GLY A 135 -9.82 -13.19 1.00
C GLY A 135 -11.15 -12.49 1.22
N ALA A 136 -11.32 -11.91 2.40
CA ALA A 136 -12.45 -11.03 2.66
C ALA A 136 -11.92 -9.62 2.80
N PRO A 137 -12.38 -8.69 1.95
CA PRO A 137 -11.91 -7.31 1.96
C PRO A 137 -12.03 -6.64 3.33
N ALA A 138 -10.93 -6.01 3.77
CA ALA A 138 -10.85 -5.44 5.10
C ALA A 138 -10.52 -3.96 5.07
N VAL A 139 -9.65 -3.58 4.13
CA VAL A 139 -9.17 -2.20 3.96
C VAL A 139 -9.10 -1.87 2.48
N ILE A 140 -9.49 -0.65 2.13
CA ILE A 140 -9.11 -0.06 0.86
C ILE A 140 -8.16 1.08 1.18
N GLU A 141 -7.20 1.30 0.28
CA GLU A 141 -6.18 2.31 0.51
C GLU A 141 -5.62 2.82 -0.79
N SER A 142 -5.16 4.05 -0.76
CA SER A 142 -4.31 4.56 -1.81
C SER A 142 -3.29 5.38 -1.06
N LEU A 143 -2.11 5.53 -1.66
CA LEU A 143 -1.17 6.53 -1.19
C LEU A 143 -1.83 7.90 -1.28
N VAL A 144 -1.45 8.79 -0.36
CA VAL A 144 -1.96 10.16 -0.28
C VAL A 144 -0.78 11.07 0.04
N MET A 145 -1.03 12.38 0.07
CA MET A 145 -0.03 13.33 0.56
C MET A 145 -0.27 13.76 1.99
N TYR A 146 0.66 13.41 2.89
CA TYR A 146 0.68 13.97 4.24
C TYR A 146 1.50 15.24 4.24
N TYR A 147 1.02 16.29 4.92
CA TYR A 147 1.79 17.52 4.99
C TYR A 147 1.78 18.07 6.41
N ASN A 148 2.81 18.85 6.73
CA ASN A 148 2.99 19.34 8.07
C ASN A 148 2.33 20.72 8.17
N LYS A 149 1.22 20.77 8.91
CA LYS A 149 0.47 22.00 9.12
C LYS A 149 1.24 23.10 9.88
N ASP A 150 2.28 22.69 10.62
CA ASP A 150 3.19 23.63 11.32
C ASP A 150 4.16 24.32 10.37
N LEU A 151 4.40 23.72 9.21
CA LEU A 151 5.36 24.23 8.24
C LEU A 151 4.73 24.98 7.07
N VAL A 152 3.47 24.67 6.78
CA VAL A 152 2.82 25.14 5.56
C VAL A 152 1.35 25.47 5.84
N LYS A 153 0.86 26.56 5.27
CA LYS A 153 -0.51 27.05 5.49
C LYS A 153 -1.55 26.21 4.74
N ASP A 154 -1.26 25.90 3.48
CA ASP A 154 -2.17 25.11 2.64
C ASP A 154 -1.49 23.87 2.08
N ALA A 155 -2.30 22.87 1.74
CA ALA A 155 -1.85 21.71 1.01
C ALA A 155 -1.29 22.13 -0.35
N PRO A 156 -0.06 21.67 -0.68
CA PRO A 156 0.37 21.80 -2.08
C PRO A 156 -0.63 21.13 -3.02
N LYS A 157 -0.88 21.76 -4.17
CA LYS A 157 -1.90 21.29 -5.12
C LYS A 157 -1.29 20.69 -6.37
N THR A 158 -0.11 21.17 -6.75
CA THR A 158 0.56 20.70 -7.96
C THR A 158 2.01 20.33 -7.62
N PHE A 159 2.67 19.62 -8.52
CA PHE A 159 4.06 19.27 -8.31
C PHE A 159 4.96 20.50 -8.45
N ALA A 160 4.49 21.49 -9.21
CA ALA A 160 5.19 22.77 -9.31
C ALA A 160 5.23 23.47 -7.96
N ASP A 161 4.19 23.27 -7.13
CA ASP A 161 4.14 23.77 -5.75
C ASP A 161 5.22 23.12 -4.87
N LEU A 162 5.39 21.81 -5.06
CA LEU A 162 6.39 21.07 -4.31
C LEU A 162 7.79 21.53 -4.71
N GLU A 163 7.97 21.77 -6.00
CA GLU A 163 9.23 22.24 -6.55
C GLU A 163 9.59 23.60 -5.96
N ASN A 164 8.59 24.46 -5.79
CA ASN A 164 8.80 25.78 -5.17
C ASN A 164 9.25 25.70 -3.71
N LEU A 165 8.70 24.74 -2.96
CA LEU A 165 9.14 24.52 -1.58
C LEU A 165 10.60 24.09 -1.54
N ALA A 166 11.04 23.36 -2.56
CA ALA A 166 12.43 22.94 -2.74
C ALA A 166 13.38 24.15 -2.79
N LYS A 167 12.93 25.20 -3.48
CA LYS A 167 13.58 26.51 -3.63
C LYS A 167 13.82 27.19 -2.28
N ASP A 168 12.78 27.20 -1.44
CA ASP A 168 12.78 27.86 -0.13
C ASP A 168 13.73 27.13 0.85
N SER A 169 14.38 27.90 1.75
CA SER A 169 15.66 27.50 2.36
C SER A 169 15.66 26.89 3.77
N LYS A 170 14.53 26.90 4.46
CA LYS A 170 14.39 26.20 5.74
C LYS A 170 14.51 24.66 5.55
N TYR A 171 14.42 24.21 4.30
CA TYR A 171 14.39 22.80 3.97
C TYR A 171 15.70 22.30 3.39
N ALA A 172 16.72 23.16 3.36
CA ALA A 172 18.06 22.73 2.96
C ALA A 172 18.53 21.59 3.86
N PHE A 173 19.26 20.64 3.27
CA PHE A 173 19.76 19.50 4.04
C PHE A 173 21.21 19.73 4.46
N ALA A 174 21.47 19.57 5.76
CA ALA A 174 22.80 19.81 6.34
C ALA A 174 23.82 18.74 5.93
N GLY A 175 25.01 19.18 5.54
CA GLY A 175 26.10 18.27 5.24
C GLY A 175 26.26 17.92 3.78
N GLU A 176 25.26 18.27 2.97
CA GLU A 176 25.30 18.07 1.51
C GLU A 176 24.43 19.11 0.86
N ASP A 177 25.00 19.92 -0.02
CA ASP A 177 24.15 20.87 -0.75
C ASP A 177 24.33 20.81 -2.27
N GLY A 178 23.43 21.46 -3.03
CA GLY A 178 22.20 22.07 -2.51
C GLY A 178 21.04 21.07 -2.55
N LYS A 179 20.90 20.32 -1.46
CA LYS A 179 19.86 19.29 -1.33
C LYS A 179 18.70 19.81 -0.45
N THR A 180 17.49 19.31 -0.73
CA THR A 180 16.29 19.63 0.06
C THR A 180 15.68 18.41 0.73
N THR A 181 14.95 18.66 1.81
CA THR A 181 13.98 17.68 2.30
C THR A 181 12.57 18.25 2.25
N ALA A 182 12.33 19.27 1.43
CA ALA A 182 11.03 19.97 1.39
C ALA A 182 9.89 19.02 1.08
N PHE A 183 10.11 18.21 0.05
CA PHE A 183 9.18 17.16 -0.38
C PHE A 183 10.00 15.88 -0.48
N LEU A 184 9.49 14.79 0.09
CA LEU A 184 10.13 13.47 -0.02
C LEU A 184 9.12 12.38 -0.36
N ALA A 185 9.50 11.51 -1.30
CA ALA A 185 8.77 10.26 -1.51
C ALA A 185 9.76 9.13 -1.80
N ASP A 186 9.44 7.94 -1.29
CA ASP A 186 10.27 6.75 -1.46
C ASP A 186 10.14 6.18 -2.88
N TRP A 187 10.67 6.93 -3.84
CA TRP A 187 10.52 6.63 -5.26
C TRP A 187 11.44 5.53 -5.84
N THR A 188 12.12 4.78 -4.98
CA THR A 188 12.72 3.51 -5.41
C THR A 188 11.93 2.29 -4.93
N ASN A 189 10.78 2.54 -4.29
CA ASN A 189 9.80 1.50 -3.98
C ASN A 189 8.73 1.58 -5.05
N PHE A 190 8.61 0.53 -5.90
CA PHE A 190 7.76 0.64 -7.10
C PHE A 190 6.29 0.92 -6.77
N TYR A 191 5.84 0.38 -5.63
CA TYR A 191 4.50 0.66 -5.17
C TYR A 191 4.31 2.16 -5.00
N TYR A 192 5.34 2.86 -4.50
CA TYR A 192 5.29 4.33 -4.33
C TYR A 192 5.37 5.09 -5.66
N THR A 193 6.39 4.77 -6.45
CA THR A 193 6.60 5.48 -7.74
C THR A 193 5.53 5.19 -8.80
N TYR A 194 4.85 4.06 -8.70
CA TYR A 194 3.95 3.66 -9.79
C TYR A 194 3.06 4.80 -10.32
N GLY A 195 2.35 5.47 -9.40
CA GLY A 195 1.44 6.56 -9.75
C GLY A 195 2.07 7.67 -10.56
N LEU A 196 3.34 7.97 -10.28
CA LEU A 196 4.12 8.94 -11.06
C LEU A 196 4.26 8.53 -12.52
N LEU A 197 4.67 7.28 -12.73
CA LEU A 197 4.81 6.71 -14.06
C LEU A 197 3.47 6.57 -14.76
N ALA A 198 2.45 6.09 -14.04
CA ALA A 198 1.13 5.87 -14.63
C ALA A 198 0.40 7.16 -15.04
N GLY A 199 0.56 8.20 -14.22
CA GLY A 199 0.00 9.52 -14.52
C GLY A 199 0.52 10.06 -15.84
N ASN A 200 1.69 9.55 -16.23
CA ASN A 200 2.43 9.96 -17.44
C ASN A 200 2.20 8.99 -18.62
N GLY A 201 1.35 7.99 -18.42
CA GLY A 201 1.03 7.04 -19.47
C GLY A 201 1.55 5.62 -19.27
N ALA A 202 2.39 5.40 -18.27
CA ALA A 202 2.87 4.03 -18.02
C ALA A 202 1.74 3.09 -17.57
N TYR A 203 1.96 1.80 -17.76
CA TYR A 203 1.09 0.77 -17.21
C TYR A 203 1.93 -0.44 -16.91
N VAL A 204 1.46 -1.28 -16.00
CA VAL A 204 2.16 -2.51 -15.70
C VAL A 204 1.78 -3.58 -16.74
N PHE A 205 0.53 -4.03 -16.69
CA PHE A 205 0.01 -4.98 -17.67
C PHE A 205 -1.11 -4.35 -18.50
N GLY A 206 -1.24 -4.77 -19.75
CA GLY A 206 -2.36 -4.36 -20.61
C GLY A 206 -3.75 -4.76 -20.11
N GLN A 207 -4.78 -4.26 -20.80
CA GLN A 207 -6.20 -4.53 -20.48
C GLN A 207 -6.48 -4.38 -18.97
N ASN A 208 -6.11 -3.22 -18.44
CA ASN A 208 -6.33 -2.88 -17.03
C ASN A 208 -5.76 -3.89 -16.02
N GLY A 209 -4.50 -4.23 -16.23
CA GLY A 209 -3.76 -5.06 -15.30
C GLY A 209 -3.97 -6.56 -15.46
N LYS A 210 -4.52 -6.97 -16.60
CA LYS A 210 -4.86 -8.39 -16.81
C LYS A 210 -3.97 -9.09 -17.85
N ASP A 211 -3.52 -8.34 -18.86
CA ASP A 211 -2.74 -8.93 -19.95
C ASP A 211 -1.23 -8.91 -19.64
N ALA A 212 -0.75 -10.04 -19.12
CA ALA A 212 0.64 -10.19 -18.67
C ALA A 212 1.66 -10.17 -19.80
N LYS A 213 1.17 -10.24 -21.03
CA LYS A 213 2.02 -10.25 -22.23
C LYS A 213 2.33 -8.84 -22.74
N ASP A 214 1.49 -7.87 -22.37
CA ASP A 214 1.65 -6.47 -22.77
C ASP A 214 2.10 -5.64 -21.57
N ILE A 215 3.42 -5.47 -21.47
CA ILE A 215 4.01 -4.70 -20.36
C ILE A 215 4.33 -3.27 -20.80
N GLY A 216 3.97 -2.30 -19.97
CA GLY A 216 4.05 -0.90 -20.39
C GLY A 216 5.01 -0.05 -19.60
N LEU A 217 5.93 -0.69 -18.89
CA LEU A 217 6.85 0.01 -18.00
C LEU A 217 8.00 0.67 -18.76
N ALA A 218 8.13 0.38 -20.05
CA ALA A 218 9.15 1.04 -20.88
C ALA A 218 8.58 1.90 -21.99
N ASN A 219 7.29 2.22 -21.93
CA ASN A 219 6.72 3.17 -22.91
C ASN A 219 7.22 4.59 -22.66
N ASP A 220 6.98 5.48 -23.62
CA ASP A 220 7.48 6.86 -23.53
C ASP A 220 7.03 7.62 -22.28
N GLY A 221 5.78 7.42 -21.89
CA GLY A 221 5.24 8.01 -20.66
C GLY A 221 5.95 7.50 -19.41
N SER A 222 6.23 6.20 -19.36
CA SER A 222 6.98 5.68 -18.22
C SER A 222 8.31 6.41 -18.09
N ILE A 223 8.98 6.62 -19.22
CA ILE A 223 10.30 7.25 -19.25
C ILE A 223 10.21 8.71 -18.76
N VAL A 224 9.18 9.46 -19.15
CA VAL A 224 9.07 10.80 -18.58
C VAL A 224 8.90 10.76 -17.06
N GLY A 225 8.05 9.86 -16.56
CA GLY A 225 7.93 9.62 -15.11
C GLY A 225 9.27 9.36 -14.44
N ILE A 226 10.04 8.41 -14.96
CA ILE A 226 11.37 8.06 -14.42
C ILE A 226 12.34 9.25 -14.46
N ASN A 227 12.35 9.98 -15.57
CA ASN A 227 13.23 11.15 -15.71
C ASN A 227 12.86 12.23 -14.70
N TYR A 228 11.56 12.43 -14.51
CA TYR A 228 11.08 13.36 -13.51
C TYR A 228 11.48 12.95 -12.09
N ALA A 229 11.31 11.67 -11.77
CA ALA A 229 11.87 11.10 -10.54
C ALA A 229 13.34 11.48 -10.37
N LYS A 230 14.14 11.25 -11.41
CA LYS A 230 15.58 11.56 -11.36
C LYS A 230 15.90 13.01 -10.97
N SER A 231 15.24 13.96 -11.61
CA SER A 231 15.37 15.39 -11.26
C SER A 231 15.17 15.67 -9.76
N TRP A 232 14.29 14.91 -9.11
CA TRP A 232 14.05 15.04 -7.68
C TRP A 232 15.19 14.42 -6.87
N TYR A 233 15.62 13.22 -7.27
CA TYR A 233 16.78 12.57 -6.60
C TYR A 233 18.05 13.44 -6.65
N GLU A 234 18.15 14.29 -7.66
CA GLU A 234 19.27 15.20 -7.82
C GLU A 234 19.18 16.44 -6.92
N LYS A 235 18.04 16.60 -6.24
CA LYS A 235 17.82 17.66 -5.28
C LYS A 235 17.73 17.10 -3.87
N TRP A 236 17.89 15.79 -3.74
CA TRP A 236 17.67 15.10 -2.48
C TRP A 236 18.96 14.60 -1.84
N PRO A 237 18.93 14.35 -0.51
CA PRO A 237 20.07 13.74 0.15
C PRO A 237 20.41 12.43 -0.56
N LYS A 238 21.70 12.12 -0.64
CA LYS A 238 22.12 10.87 -1.28
C LYS A 238 21.50 9.65 -0.58
N GLY A 239 21.20 9.79 0.71
CA GLY A 239 20.55 8.74 1.50
C GLY A 239 19.16 8.32 1.03
N MET A 240 18.53 9.13 0.19
CA MET A 240 17.26 8.76 -0.45
C MET A 240 17.48 7.63 -1.47
N GLN A 241 18.73 7.48 -1.92
CA GLN A 241 19.10 6.44 -2.88
C GLN A 241 19.70 5.21 -2.21
N ASP A 242 19.68 5.18 -0.87
CA ASP A 242 20.23 4.06 -0.12
C ASP A 242 19.50 2.78 -0.47
N THR A 243 20.27 1.70 -0.59
CA THR A 243 19.73 0.39 -0.96
C THR A 243 18.75 -0.12 0.10
N GLU A 244 18.88 0.38 1.33
CA GLU A 244 17.97 -0.01 2.41
C GLU A 244 17.04 1.13 2.89
N GLY A 245 17.42 1.80 3.98
CA GLY A 245 16.48 2.61 4.77
C GLY A 245 16.16 4.05 4.39
N ALA A 246 15.80 4.28 3.12
CA ALA A 246 15.24 5.59 2.71
C ALA A 246 13.91 5.84 3.43
N GLY A 247 13.17 4.77 3.71
CA GLY A 247 11.90 4.82 4.43
C GLY A 247 12.03 5.41 5.82
N ASN A 248 13.12 5.07 6.52
CA ASN A 248 13.37 5.62 7.85
C ASN A 248 13.80 7.09 7.79
N LEU A 249 14.59 7.44 6.77
CA LEU A 249 14.98 8.83 6.57
C LEU A 249 13.77 9.73 6.31
N ILE A 250 12.86 9.27 5.45
CA ILE A 250 11.64 10.00 5.13
C ILE A 250 10.81 10.23 6.39
N GLN A 251 10.57 9.15 7.14
CA GLN A 251 9.75 9.19 8.36
C GLN A 251 10.34 10.12 9.41
N THR A 252 11.67 10.06 9.59
CA THR A 252 12.39 10.88 10.56
C THR A 252 12.33 12.36 10.20
N GLN A 253 12.63 12.67 8.95
CA GLN A 253 12.56 14.04 8.46
C GLN A 253 11.16 14.63 8.65
N PHE A 254 10.13 13.89 8.27
CA PHE A 254 8.75 14.38 8.40
C PHE A 254 8.31 14.54 9.84
N GLN A 255 8.59 13.55 10.68
CA GLN A 255 8.22 13.64 12.11
C GLN A 255 8.99 14.73 12.88
N GLU A 256 10.21 15.03 12.43
CA GLU A 256 11.07 16.00 13.12
C GLU A 256 10.89 17.44 12.62
N GLY A 257 9.90 17.63 11.75
CA GLY A 257 9.54 18.97 11.32
C GLY A 257 10.44 19.54 10.23
N LYS A 258 11.10 18.65 9.48
CA LYS A 258 12.02 19.07 8.41
C LYS A 258 11.47 18.94 6.99
N THR A 259 10.29 18.34 6.84
CA THR A 259 9.71 18.28 5.49
C THR A 259 8.24 18.67 5.43
N ALA A 260 7.92 19.54 4.47
CA ALA A 260 6.57 20.05 4.30
C ALA A 260 5.63 18.91 3.95
N ALA A 261 6.04 18.04 3.01
CA ALA A 261 5.13 17.01 2.48
C ALA A 261 5.82 15.72 2.10
N ILE A 262 5.11 14.62 2.35
CA ILE A 262 5.52 13.30 1.87
C ILE A 262 4.34 12.59 1.20
N ILE A 263 4.63 11.53 0.47
CA ILE A 263 3.61 10.63 -0.06
C ILE A 263 3.72 9.34 0.72
N ASP A 264 2.64 8.95 1.38
CA ASP A 264 2.60 7.68 2.12
C ASP A 264 1.18 7.15 2.27
N GLY A 265 1.04 6.00 2.94
CA GLY A 265 -0.26 5.34 3.03
C GLY A 265 -0.97 5.63 4.34
N PRO A 266 -2.27 5.31 4.40
CA PRO A 266 -3.09 5.48 5.60
C PRO A 266 -2.58 4.69 6.80
N TRP A 267 -1.87 3.57 6.54
CA TRP A 267 -1.24 2.76 7.60
C TRP A 267 -0.24 3.52 8.48
N LYS A 268 0.24 4.65 7.99
CA LYS A 268 1.23 5.46 8.72
C LYS A 268 0.60 6.35 9.80
N ALA A 269 -0.72 6.52 9.75
CA ALA A 269 -1.43 7.47 10.61
C ALA A 269 -1.26 7.23 12.12
N GLN A 270 -1.37 5.98 12.55
CA GLN A 270 -1.21 5.64 13.96
C GLN A 270 0.13 6.16 14.50
N ALA A 271 1.21 5.89 13.76
CA ALA A 271 2.56 6.36 14.10
C ALA A 271 2.71 7.88 14.11
N PHE A 272 2.13 8.56 13.13
CA PHE A 272 2.22 10.01 13.05
C PHE A 272 1.50 10.69 14.24
N LYS A 273 0.36 10.13 14.64
CA LYS A 273 -0.36 10.58 15.83
C LYS A 273 0.51 10.39 17.09
N ASP A 274 1.16 9.23 17.19
CA ASP A 274 2.10 8.92 18.27
C ASP A 274 3.27 9.90 18.32
N ALA A 275 3.83 10.19 17.15
CA ALA A 275 4.89 11.18 17.05
C ALA A 275 4.36 12.58 17.30
N LYS A 276 3.07 12.70 17.57
CA LYS A 276 2.37 13.99 17.73
C LYS A 276 2.65 14.97 16.58
N VAL A 277 2.73 14.43 15.36
CA VAL A 277 2.91 15.25 14.16
C VAL A 277 1.61 15.99 13.88
N ASN A 278 1.70 17.29 13.62
CA ASN A 278 0.54 18.10 13.26
C ASN A 278 0.29 18.03 11.75
N TYR A 279 -0.15 16.87 11.30
CA TYR A 279 -0.23 16.59 9.86
C TYR A 279 -1.61 16.90 9.31
N GLY A 280 -1.63 17.34 8.05
CA GLY A 280 -2.85 17.32 7.27
C GLY A 280 -2.71 16.24 6.21
N VAL A 281 -3.83 15.86 5.60
CA VAL A 281 -3.80 14.92 4.48
C VAL A 281 -4.54 15.53 3.30
N ALA A 282 -3.98 15.39 2.11
CA ALA A 282 -4.59 15.83 0.86
C ALA A 282 -4.34 14.81 -0.22
N THR A 283 -5.03 14.97 -1.34
CA THR A 283 -4.74 14.18 -2.54
C THR A 283 -3.32 14.52 -2.97
N ILE A 284 -2.67 13.55 -3.60
CA ILE A 284 -1.33 13.75 -4.16
C ILE A 284 -1.45 14.85 -5.22
N PRO A 285 -0.55 15.86 -5.18
CA PRO A 285 -0.61 16.92 -6.16
C PRO A 285 -0.54 16.42 -7.61
N THR A 286 -1.25 17.10 -8.50
CA THR A 286 -1.26 16.78 -9.92
C THR A 286 0.14 16.90 -10.48
N LEU A 287 0.41 16.09 -11.50
CA LEU A 287 1.76 15.98 -12.05
C LEU A 287 2.10 17.18 -12.95
N PRO A 288 3.39 17.33 -13.30
CA PRO A 288 3.75 18.43 -14.23
C PRO A 288 2.91 18.45 -15.52
N ASN A 289 2.47 17.28 -15.98
CA ASN A 289 1.62 17.15 -17.17
C ASN A 289 0.14 17.47 -16.91
N GLY A 290 -0.15 17.90 -15.68
CA GLY A 290 -1.51 18.21 -15.26
C GLY A 290 -2.37 17.04 -14.82
N LYS A 291 -1.89 15.81 -14.99
CA LYS A 291 -2.69 14.62 -14.72
C LYS A 291 -2.59 14.19 -13.26
N GLU A 292 -3.51 13.35 -12.82
CA GLU A 292 -3.48 12.88 -11.45
C GLU A 292 -2.35 11.88 -11.24
N TYR A 293 -1.80 11.87 -10.04
CA TYR A 293 -0.85 10.86 -9.64
C TYR A 293 -1.64 9.57 -9.43
N ALA A 294 -1.55 8.65 -10.37
CA ALA A 294 -2.48 7.52 -10.42
C ALA A 294 -1.98 6.30 -9.67
N ALA A 295 -1.88 6.45 -8.34
CA ALA A 295 -1.44 5.39 -7.44
C ALA A 295 -2.33 4.12 -7.59
N PHE A 296 -1.82 2.96 -7.18
CA PHE A 296 -2.65 1.75 -7.16
C PHE A 296 -3.88 1.90 -6.26
N GLY A 297 -5.01 1.37 -6.74
CA GLY A 297 -6.22 1.28 -5.93
C GLY A 297 -6.11 -0.04 -5.18
N GLY A 298 -5.43 0.00 -4.03
CA GLY A 298 -5.12 -1.21 -3.28
C GLY A 298 -5.87 -1.38 -1.96
N GLY A 299 -5.20 -2.05 -1.02
CA GLY A 299 -5.83 -2.41 0.23
C GLY A 299 -5.46 -3.81 0.67
N LYS A 300 -6.16 -4.27 1.71
CA LYS A 300 -5.82 -5.54 2.36
C LYS A 300 -7.08 -6.40 2.63
N ALA A 301 -6.91 -7.72 2.62
CA ALA A 301 -7.98 -8.67 2.95
C ALA A 301 -7.62 -9.54 4.14
N TRP A 302 -8.63 -10.05 4.83
CA TRP A 302 -8.38 -11.15 5.79
C TRP A 302 -8.34 -12.48 5.03
N VAL A 303 -7.26 -13.23 5.23
CA VAL A 303 -7.06 -14.48 4.50
C VAL A 303 -6.88 -15.67 5.47
N ILE A 304 -7.03 -16.88 4.94
CA ILE A 304 -7.01 -18.11 5.73
C ILE A 304 -6.05 -19.09 5.06
N PRO A 305 -4.90 -19.38 5.70
CA PRO A 305 -3.93 -20.29 5.10
C PRO A 305 -4.53 -21.63 4.69
N GLN A 306 -4.00 -22.24 3.65
CA GLN A 306 -4.58 -23.49 3.15
C GLN A 306 -4.55 -24.61 4.19
N ALA A 307 -3.56 -24.58 5.10
CA ALA A 307 -3.30 -25.68 6.01
C ALA A 307 -3.94 -25.56 7.40
N VAL A 308 -4.89 -24.63 7.55
CA VAL A 308 -5.57 -24.46 8.84
C VAL A 308 -6.31 -25.74 9.22
N LYS A 309 -6.30 -26.05 10.51
CA LYS A 309 -6.99 -27.24 11.04
C LYS A 309 -8.47 -27.22 10.66
N ASN A 310 -9.10 -26.08 10.93
CA ASN A 310 -10.54 -25.96 10.89
C ASN A 310 -10.97 -24.74 10.08
N LEU A 311 -11.27 -24.95 8.80
CA LEU A 311 -11.64 -23.86 7.89
C LEU A 311 -12.95 -23.16 8.28
N GLU A 312 -13.96 -23.94 8.66
CA GLU A 312 -15.23 -23.37 9.13
C GLU A 312 -15.04 -22.36 10.26
N ALA A 313 -14.24 -22.73 11.25
CA ALA A 313 -13.97 -21.86 12.39
C ALA A 313 -13.25 -20.58 11.97
N SER A 314 -12.30 -20.71 11.04
CA SER A 314 -11.57 -19.55 10.52
C SER A 314 -12.47 -18.61 9.72
N GLN A 315 -13.31 -19.19 8.86
CA GLN A 315 -14.30 -18.43 8.09
C GLN A 315 -15.24 -17.65 9.03
N LYS A 316 -15.61 -18.29 10.14
CA LYS A 316 -16.48 -17.67 11.14
C LYS A 316 -15.91 -16.41 11.77
N PHE A 317 -14.65 -16.47 12.18
CA PHE A 317 -13.98 -15.31 12.73
C PHE A 317 -13.76 -14.22 11.66
N VAL A 318 -13.44 -14.65 10.44
CA VAL A 318 -13.29 -13.74 9.30
C VAL A 318 -14.61 -12.99 9.00
N ASP A 319 -15.73 -13.72 8.99
CA ASP A 319 -17.05 -13.11 8.85
C ASP A 319 -17.30 -12.07 9.94
N PHE A 320 -16.89 -12.37 11.16
CA PHE A 320 -17.02 -11.41 12.27
C PHE A 320 -16.13 -10.17 12.05
N LEU A 321 -14.87 -10.40 11.64
CA LEU A 321 -13.92 -9.30 11.40
C LEU A 321 -14.38 -8.28 10.33
N VAL A 322 -15.08 -8.78 9.31
CA VAL A 322 -15.55 -7.95 8.19
C VAL A 322 -17.00 -7.47 8.35
N ALA A 323 -17.65 -7.92 9.44
CA ALA A 323 -18.98 -7.43 9.82
C ALA A 323 -18.88 -5.94 10.14
N THR A 324 -19.95 -5.20 9.85
CA THR A 324 -19.94 -3.74 9.97
C THR A 324 -19.37 -3.22 11.28
N GLU A 325 -19.76 -3.83 12.40
CA GLU A 325 -19.29 -3.35 13.71
C GLU A 325 -17.77 -3.37 13.87
N GLN A 326 -17.17 -4.51 13.54
CA GLN A 326 -15.72 -4.72 13.69
C GLN A 326 -14.92 -3.90 12.67
N GLN A 327 -15.56 -3.60 11.55
CA GLN A 327 -14.94 -2.78 10.52
C GLN A 327 -14.93 -1.31 10.93
N LYS A 328 -16.02 -0.84 11.54
CA LYS A 328 -16.06 0.48 12.18
C LYS A 328 -14.99 0.60 13.27
N VAL A 329 -14.88 -0.42 14.10
CA VAL A 329 -13.87 -0.42 15.15
C VAL A 329 -12.45 -0.42 14.54
N LEU A 330 -12.29 -1.05 13.36
CA LEU A 330 -11.01 -0.97 12.65
C LEU A 330 -10.65 0.49 12.30
N TYR A 331 -11.60 1.23 11.73
CA TYR A 331 -11.40 2.64 11.48
C TYR A 331 -11.06 3.39 12.78
N ASP A 332 -11.87 3.15 13.82
CA ASP A 332 -11.66 3.81 15.12
C ASP A 332 -10.25 3.59 15.69
N LYS A 333 -9.71 2.38 15.57
CA LYS A 333 -8.40 2.09 16.17
C LYS A 333 -7.16 2.38 15.30
N THR A 334 -7.34 2.44 13.98
CA THR A 334 -6.19 2.63 13.09
C THR A 334 -6.27 3.81 12.11
N ASN A 335 -7.45 4.42 11.96
CA ASN A 335 -7.73 5.41 10.89
C ASN A 335 -7.67 4.87 9.45
N GLU A 336 -7.51 3.55 9.29
CA GLU A 336 -7.52 2.96 7.95
C GLU A 336 -8.97 2.88 7.42
N ILE A 337 -9.10 2.92 6.10
CA ILE A 337 -10.43 3.00 5.46
C ILE A 337 -11.04 1.60 5.27
N PRO A 338 -12.17 1.31 5.95
CA PRO A 338 -12.80 -0.02 5.87
C PRO A 338 -13.23 -0.39 4.46
N ALA A 339 -13.15 -1.66 4.12
CA ALA A 339 -13.64 -2.17 2.84
C ALA A 339 -15.16 -2.36 2.87
N ASN A 340 -15.69 -2.85 4.00
CA ASN A 340 -17.13 -2.97 4.22
C ASN A 340 -17.78 -1.62 3.92
N THR A 341 -18.74 -1.60 2.99
CA THR A 341 -19.27 -0.33 2.49
C THR A 341 -20.07 0.47 3.52
N GLU A 342 -20.70 -0.23 4.47
CA GLU A 342 -21.38 0.43 5.59
C GLU A 342 -20.38 1.07 6.53
N ALA A 343 -19.36 0.30 6.94
CA ALA A 343 -18.31 0.83 7.81
C ALA A 343 -17.52 1.94 7.12
N ARG A 344 -17.40 1.84 5.81
CA ARG A 344 -16.74 2.86 5.00
C ARG A 344 -17.51 4.18 4.93
N SER A 345 -18.84 4.10 4.85
CA SER A 345 -19.66 5.33 4.89
C SER A 345 -19.50 6.02 6.23
N TYR A 346 -19.48 5.25 7.31
CA TYR A 346 -19.19 5.76 8.65
C TYR A 346 -17.89 6.57 8.67
N ALA A 347 -16.82 6.00 8.10
CA ALA A 347 -15.52 6.69 8.05
C ALA A 347 -15.66 7.96 7.23
N GLU A 348 -16.37 7.87 6.10
CA GLU A 348 -16.59 9.05 5.28
C GLU A 348 -17.34 10.16 6.04
N GLY A 349 -18.28 9.74 6.90
CA GLY A 349 -19.05 10.68 7.73
C GLY A 349 -18.18 11.35 8.77
N LYS A 350 -17.29 10.57 9.39
CA LYS A 350 -16.27 11.12 10.31
C LYS A 350 -15.47 12.21 9.63
N ASN A 351 -15.27 12.05 8.32
CA ASN A 351 -14.82 13.13 7.45
C ASN A 351 -13.45 13.72 7.82
N ASP A 352 -12.58 12.89 8.42
CA ASP A 352 -11.22 13.30 8.69
C ASP A 352 -10.48 13.50 7.36
N GLU A 353 -9.43 14.30 7.38
CA GLU A 353 -8.70 14.61 6.15
C GLU A 353 -8.18 13.37 5.44
N LEU A 354 -7.71 12.38 6.21
CA LEU A 354 -7.13 11.16 5.63
C LEU A 354 -8.16 10.36 4.82
N THR A 355 -9.34 10.13 5.41
CA THR A 355 -10.42 9.39 4.77
C THR A 355 -10.84 10.09 3.47
N THR A 356 -11.00 11.42 3.56
CA THR A 356 -11.40 12.22 2.40
C THR A 356 -10.41 12.06 1.25
N ALA A 357 -9.12 12.19 1.56
CA ALA A 357 -8.08 12.06 0.55
C ALA A 357 -7.99 10.64 -0.03
N VAL A 358 -8.06 9.61 0.83
CA VAL A 358 -8.06 8.23 0.38
C VAL A 358 -9.22 7.95 -0.59
N ILE A 359 -10.39 8.53 -0.31
CA ILE A 359 -11.59 8.31 -1.13
C ILE A 359 -11.45 8.99 -2.50
N LYS A 360 -11.04 10.26 -2.52
CA LYS A 360 -10.80 10.96 -3.80
C LYS A 360 -9.71 10.25 -4.59
N GLN A 361 -8.59 9.98 -3.92
CA GLN A 361 -7.42 9.37 -4.55
C GLN A 361 -7.78 8.04 -5.21
N PHE A 362 -8.63 7.26 -4.54
CA PHE A 362 -9.12 5.95 -5.01
C PHE A 362 -9.92 6.03 -6.32
N LYS A 363 -10.48 7.20 -6.62
CA LYS A 363 -11.15 7.46 -7.92
C LYS A 363 -10.15 7.63 -9.05
N ASN A 364 -8.94 8.08 -8.70
CA ASN A 364 -7.86 8.35 -9.66
C ASN A 364 -6.80 7.23 -9.83
N THR A 365 -7.09 6.07 -9.24
CA THR A 365 -6.22 4.90 -9.28
C THR A 365 -6.63 3.93 -10.38
N GLN A 366 -5.72 3.03 -10.76
CA GLN A 366 -6.06 1.75 -11.37
C GLN A 366 -5.87 0.69 -10.26
N PRO A 367 -6.69 -0.38 -10.26
CA PRO A 367 -6.61 -1.35 -9.15
C PRO A 367 -5.25 -2.03 -9.04
N LEU A 368 -4.84 -2.36 -7.81
CA LEU A 368 -3.62 -3.12 -7.61
C LEU A 368 -3.82 -4.50 -8.27
N PRO A 369 -3.00 -4.81 -9.29
CA PRO A 369 -3.15 -6.10 -9.97
C PRO A 369 -2.94 -7.28 -9.05
N ASN A 370 -3.76 -8.33 -9.21
CA ASN A 370 -3.66 -9.51 -8.38
C ASN A 370 -3.43 -10.80 -9.16
N ILE A 371 -3.01 -10.66 -10.41
CA ILE A 371 -2.60 -11.83 -11.18
C ILE A 371 -1.22 -12.24 -10.69
N SER A 372 -0.93 -13.54 -10.80
CA SER A 372 0.32 -14.11 -10.33
C SER A 372 1.53 -13.33 -10.81
N GLN A 373 1.44 -12.85 -12.06
CA GLN A 373 2.60 -12.29 -12.73
C GLN A 373 3.04 -10.96 -12.13
N MET A 374 2.14 -10.31 -11.38
CA MET A 374 2.50 -9.09 -10.64
C MET A 374 3.67 -9.31 -9.68
N SER A 375 3.72 -10.49 -9.06
CA SER A 375 4.80 -10.83 -8.12
C SER A 375 6.22 -10.78 -8.73
N ALA A 376 6.30 -10.84 -10.05
CA ALA A 376 7.60 -10.75 -10.75
C ALA A 376 8.00 -9.31 -11.08
N VAL A 377 7.10 -8.37 -10.83
CA VAL A 377 7.27 -6.98 -11.25
C VAL A 377 8.08 -6.16 -10.24
N TRP A 378 7.84 -6.39 -8.95
CA TRP A 378 8.30 -5.46 -7.90
C TRP A 378 9.82 -5.27 -7.88
N ASP A 379 10.56 -6.39 -7.90
CA ASP A 379 12.02 -6.35 -7.85
C ASP A 379 12.71 -5.75 -9.08
N PRO A 380 12.45 -6.30 -10.29
CA PRO A 380 12.99 -5.61 -11.46
C PRO A 380 12.62 -4.12 -11.51
N ALA A 381 11.39 -3.76 -11.16
CA ALA A 381 10.97 -2.36 -11.19
C ALA A 381 11.74 -1.50 -10.19
N LYS A 382 12.02 -2.05 -9.01
CA LYS A 382 12.79 -1.35 -8.00
C LYS A 382 14.21 -1.10 -8.50
N ASN A 383 14.80 -2.12 -9.13
CA ASN A 383 16.16 -2.00 -9.67
C ASN A 383 16.23 -1.03 -10.82
N MET A 384 15.20 -1.05 -11.66
CA MET A 384 15.02 -0.04 -12.67
C MET A 384 15.17 1.35 -12.03
N LEU A 385 14.44 1.60 -10.93
CA LEU A 385 14.38 2.93 -10.33
C LEU A 385 15.72 3.35 -9.72
N PHE A 386 16.34 2.49 -8.90
CA PHE A 386 17.69 2.71 -8.39
C PHE A 386 18.67 3.05 -9.53
N ASP A 387 18.72 2.20 -10.56
CA ASP A 387 19.68 2.38 -11.67
C ASP A 387 19.49 3.66 -12.45
N ALA A 388 18.25 4.08 -12.63
CA ALA A 388 17.95 5.28 -13.40
C ALA A 388 18.22 6.56 -12.60
N VAL A 389 17.73 6.61 -11.37
CA VAL A 389 17.82 7.84 -10.58
C VAL A 389 19.24 8.15 -10.13
N SER A 390 20.06 7.11 -10.01
CA SER A 390 21.49 7.25 -9.70
C SER A 390 22.30 7.62 -10.94
N GLY A 391 21.69 7.44 -12.11
CA GLY A 391 22.35 7.73 -13.37
C GLY A 391 23.27 6.61 -13.83
N GLN A 392 23.21 5.47 -13.15
CA GLN A 392 24.00 4.29 -13.53
C GLN A 392 23.56 3.73 -14.88
N LYS A 393 22.25 3.78 -15.14
CA LYS A 393 21.72 3.56 -16.49
C LYS A 393 20.88 4.76 -16.89
N ASP A 394 20.69 4.99 -18.19
CA ASP A 394 19.69 5.97 -18.61
C ASP A 394 18.29 5.35 -18.46
N ALA A 395 17.27 6.20 -18.42
CA ALA A 395 15.93 5.79 -18.01
C ALA A 395 15.33 4.68 -18.87
N LYS A 396 15.42 4.89 -20.19
CA LYS A 396 14.90 3.97 -21.19
C LYS A 396 15.57 2.60 -21.11
N THR A 397 16.89 2.60 -21.00
CA THR A 397 17.66 1.36 -20.88
C THR A 397 17.27 0.59 -19.61
N ALA A 398 17.28 1.27 -18.47
CA ALA A 398 16.83 0.70 -17.19
C ALA A 398 15.45 0.07 -17.29
N ALA A 399 14.51 0.76 -17.93
CA ALA A 399 13.15 0.23 -18.16
C ALA A 399 13.17 -1.00 -19.06
N ASN A 400 13.84 -0.91 -20.22
CA ASN A 400 13.94 -2.05 -21.15
C ASN A 400 14.52 -3.28 -20.48
N ASP A 401 15.54 -3.07 -19.66
CA ASP A 401 16.17 -4.15 -18.91
C ASP A 401 15.23 -4.74 -17.87
N ALA A 402 14.50 -3.87 -17.17
CA ALA A 402 13.48 -4.33 -16.22
C ALA A 402 12.40 -5.17 -16.93
N VAL A 403 11.97 -4.73 -18.10
CA VAL A 403 10.91 -5.42 -18.84
C VAL A 403 11.39 -6.81 -19.32
N THR A 404 12.62 -6.88 -19.83
CA THR A 404 13.17 -8.17 -20.27
C THR A 404 13.22 -9.18 -19.11
N LEU A 405 13.63 -8.72 -17.92
CA LEU A 405 13.66 -9.57 -16.72
C LEU A 405 12.28 -9.98 -16.17
N ILE A 406 11.31 -9.06 -16.24
CA ILE A 406 9.92 -9.39 -15.89
C ILE A 406 9.40 -10.43 -16.91
N LYS A 407 9.64 -10.18 -18.19
CA LYS A 407 9.24 -11.12 -19.25
C LYS A 407 9.81 -12.51 -18.99
N GLU A 408 11.10 -12.58 -18.65
CA GLU A 408 11.74 -13.81 -18.22
C GLU A 408 10.90 -14.57 -17.20
N THR A 409 10.61 -13.92 -16.07
CA THR A 409 10.01 -14.58 -14.91
C THR A 409 8.63 -15.17 -15.21
N LEU A 410 7.87 -14.52 -16.09
CA LEU A 410 6.66 -15.14 -16.68
C LEU A 410 6.83 -15.53 -18.15
C1 GLC B . 1.98 -2.92 7.50
C2 GLC B . 0.71 -2.26 6.94
C3 GLC B . 0.64 -2.38 5.43
C4 GLC B . 1.94 -1.97 4.74
C5 GLC B . 3.14 -2.67 5.38
C6 GLC B . 4.46 -2.12 4.82
O1 GLC B . 1.83 -4.32 7.41
O2 GLC B . -0.42 -2.91 7.44
O3 GLC B . -0.44 -1.57 4.99
O4 GLC B . 1.86 -2.39 3.40
O5 GLC B . 3.13 -2.50 6.78
O6 GLC B . 5.44 -3.14 4.90
C1 GLC B . 1.55 -1.27 2.51
C2 GLC B . 0.43 -1.70 1.56
C3 GLC B . 0.97 -2.76 0.62
C4 GLC B . 2.27 -2.33 -0.09
C5 GLC B . 3.27 -1.69 0.87
C6 GLC B . 4.38 -0.96 0.12
O2 GLC B . -0.67 -2.17 2.29
O3 GLC B . -0.01 -3.11 -0.31
O4 GLC B . 2.89 -3.47 -0.66
O5 GLC B . 2.64 -0.78 1.76
O6 GLC B . 5.48 -0.70 0.96
C1 GLC B . 2.82 -3.50 -2.10
C2 GLC B . 2.36 -4.90 -2.50
C3 GLC B . 3.42 -5.92 -2.05
C4 GLC B . 4.76 -5.54 -2.66
C5 GLC B . 5.12 -4.09 -2.28
C6 GLC B . 6.42 -3.60 -2.92
O2 GLC B . 1.14 -5.18 -1.87
O3 GLC B . 3.05 -7.26 -2.36
O4 GLC B . 5.68 -6.39 -2.04
O5 GLC B . 4.08 -3.22 -2.69
O6 GLC B . 6.94 -2.57 -2.10
C1 GLC B . 6.38 -7.18 -3.01
C2 GLC B . 6.37 -8.59 -2.47
C3 GLC B . 6.97 -8.53 -1.07
C4 GLC B . 8.36 -7.92 -1.12
C5 GLC B . 8.44 -6.63 -1.94
C6 GLC B . 9.88 -6.17 -2.22
O2 GLC B . 5.05 -9.07 -2.45
O3 GLC B . 6.96 -9.80 -0.47
O4 GLC B . 8.70 -7.59 0.20
O5 GLC B . 7.73 -6.75 -3.16
O6 GLC B . 10.51 -7.16 -3.02
C1 GLC B . 9.74 -8.44 0.69
C2 GLC B . 9.35 -8.89 2.09
C3 GLC B . 9.22 -7.65 3.00
C4 GLC B . 10.52 -6.84 2.94
C5 GLC B . 10.96 -6.55 1.50
C6 GLC B . 12.33 -5.90 1.45
O2 GLC B . 8.10 -9.57 2.01
O3 GLC B . 8.90 -8.02 4.32
O4 GLC B . 10.31 -5.60 3.56
O5 GLC B . 10.97 -7.76 0.73
O6 GLC B . 13.29 -6.87 1.83
C1 GLC B . 10.80 -5.60 4.92
C2 GLC B . 9.71 -5.01 5.83
C3 GLC B . 9.41 -3.56 5.43
C4 GLC B . 10.65 -2.72 5.11
C5 GLC B . 11.85 -3.50 4.53
C6 GLC B . 13.15 -2.75 4.77
O2 GLC B . 8.52 -5.76 5.75
O3 GLC B . 8.74 -2.95 6.50
O4 GLC B . 10.24 -1.76 4.15
O5 GLC B . 11.98 -4.82 5.06
O6 GLC B . 13.83 -2.66 3.54
C1 GLC B . 10.36 -0.41 4.66
C2 GLC B . 9.15 0.42 4.20
C3 GLC B . 9.20 0.57 2.68
C4 GLC B . 10.55 1.15 2.24
C5 GLC B . 11.71 0.32 2.83
C6 GLC B . 13.08 0.91 2.51
O2 GLC B . 7.95 -0.21 4.61
O3 GLC B . 8.15 1.37 2.19
O4 GLC B . 10.59 1.20 0.84
O5 GLC B . 11.56 0.23 4.24
O6 GLC B . 13.33 1.97 3.39
S SO4 C . 2.10 27.87 2.18
O1 SO4 C . 0.74 27.36 2.08
O2 SO4 C . 2.41 28.16 3.58
O3 SO4 C . 3.06 26.89 1.66
O4 SO4 C . 2.22 29.09 1.39
S SO4 D . -22.37 -2.97 -5.66
O1 SO4 D . -23.57 -3.40 -6.37
O2 SO4 D . -22.39 -3.53 -4.31
O3 SO4 D . -21.18 -3.43 -6.38
O4 SO4 D . -22.35 -1.51 -5.59
#